data_1GCB
#
_entry.id   1GCB
#
_cell.length_a   151.150
_cell.length_b   151.150
_cell.length_c   89.880
_cell.angle_alpha   90.00
_cell.angle_beta   90.00
_cell.angle_gamma   120.00
#
_symmetry.space_group_name_H-M   'P 63 2 2'
#
loop_
_entity.id
_entity.type
_entity.pdbx_description
1 polymer 'GAL6 HG (EMTS) DERIVATIVE'
2 non-polymer 'SULFATE ION'
3 non-polymer 'MERCURY (II) ION'
4 non-polymer GLYCEROL
5 water water
#
_entity_poly.entity_id   1
_entity_poly.type   'polypeptide(L)'
_entity_poly.pdbx_seq_one_letter_code
;MSSSIDISKINSWNKEFQSDLTHQLATTVLKNYNADDALLNKTRLQKQDNRVFNTVVSTDSTPVTNQKSSGRCWLFAATN
QLRLNVLSELNLKEFELSQAYLFFYDKLEKANYFLDQIVSSADQDIDSRLVQYLLAAPTEDGGQYSMFLNLVKKYGLIPK
DLYGDLPYSTTASRKWNSLLTTKLREFAETLRTALKERSADDSIIVTLREQMQREIFRLMSLFMDIPPVQPNEQFTWEYV
DKDKKIHTIKSTPLEFASKYAKLDPSTPVSLINDPRHPYGKLIKIDRLGNVLGGDAVIYLNVDNETLSKLVVKRLQNNKA
VFFGSHTPKFMDKKTGVMDIELWNYPAIGYNLPQQKASRIRYHESLMTHAMLITGCHVDETSKLPLRYRVENSWGKDSGK
DGLYVMTQKYFEEYCFQIVVDINELPKELASKFTSGKEEPIVLPIWDPMGALAK
;
_entity_poly.pdbx_strand_id   A
#
loop_
_chem_comp.id
_chem_comp.type
_chem_comp.name
_chem_comp.formula
GOL non-polymer GLYCEROL 'C3 H8 O3'
HG non-polymer 'MERCURY (II) ION' 'Hg 2'
SO4 non-polymer 'SULFATE ION' 'O4 S -2'
#
# COMPACT_ATOMS: atom_id res chain seq x y z
N SER A 2 -16.26 -32.57 26.19
CA SER A 2 -14.87 -32.28 26.65
C SER A 2 -14.15 -31.48 25.58
N SER A 3 -12.89 -31.83 25.31
CA SER A 3 -12.11 -31.14 24.29
C SER A 3 -12.43 -31.62 22.88
N SER A 4 -13.04 -32.80 22.78
CA SER A 4 -13.42 -33.39 21.51
C SER A 4 -14.85 -33.04 21.15
N ILE A 5 -15.19 -33.18 19.88
CA ILE A 5 -16.55 -32.88 19.42
C ILE A 5 -17.39 -34.10 19.76
N ASP A 6 -18.44 -33.88 20.54
CA ASP A 6 -19.33 -34.97 20.90
C ASP A 6 -20.54 -34.88 19.98
N ILE A 7 -20.90 -36.00 19.35
CA ILE A 7 -22.01 -36.03 18.42
C ILE A 7 -23.37 -35.78 19.03
N SER A 8 -23.57 -36.26 20.26
CA SER A 8 -24.83 -36.06 20.99
C SER A 8 -24.95 -34.59 21.37
N LYS A 9 -23.83 -34.03 21.82
CA LYS A 9 -23.75 -32.64 22.23
C LYS A 9 -24.13 -31.70 21.08
N ILE A 10 -23.48 -31.83 19.92
CA ILE A 10 -23.80 -30.96 18.78
C ILE A 10 -25.23 -31.13 18.27
N ASN A 11 -25.79 -32.34 18.33
CA ASN A 11 -27.18 -32.54 17.89
C ASN A 11 -28.17 -31.97 18.93
N SER A 12 -27.74 -31.90 20.18
CA SER A 12 -28.56 -31.32 21.24
C SER A 12 -28.56 -29.79 21.08
N TRP A 13 -27.38 -29.22 20.79
CA TRP A 13 -27.24 -27.78 20.56
C TRP A 13 -28.07 -27.41 19.33
N ASN A 14 -27.99 -28.23 18.29
CA ASN A 14 -28.75 -27.99 17.07
C ASN A 14 -30.23 -27.85 17.40
N LYS A 15 -30.74 -28.86 18.11
CA LYS A 15 -32.12 -28.91 18.52
C LYS A 15 -32.51 -27.61 19.23
N GLU A 16 -31.62 -27.13 20.10
CA GLU A 16 -31.88 -25.90 20.80
C GLU A 16 -31.85 -24.65 19.89
N PHE A 17 -30.91 -24.59 18.95
CA PHE A 17 -30.81 -23.45 18.04
C PHE A 17 -32.00 -23.38 17.09
N GLN A 18 -32.43 -24.53 16.59
CA GLN A 18 -33.57 -24.57 15.68
C GLN A 18 -34.90 -24.12 16.32
N SER A 19 -34.95 -24.03 17.65
CA SER A 19 -36.18 -23.60 18.32
C SER A 19 -36.26 -22.07 18.37
N ASP A 20 -35.16 -21.40 18.06
CA ASP A 20 -35.12 -19.95 18.06
C ASP A 20 -35.52 -19.48 16.68
N LEU A 21 -36.50 -18.58 16.60
CA LEU A 21 -36.95 -18.12 15.29
C LEU A 21 -35.93 -17.34 14.47
N THR A 22 -35.05 -16.59 15.13
CA THR A 22 -34.03 -15.81 14.46
C THR A 22 -33.01 -16.75 13.80
N HIS A 23 -32.65 -17.81 14.52
CA HIS A 23 -31.70 -18.78 14.00
C HIS A 23 -32.32 -19.45 12.78
N GLN A 24 -33.61 -19.83 12.88
CA GLN A 24 -34.28 -20.48 11.75
C GLN A 24 -34.22 -19.63 10.47
N LEU A 25 -34.52 -18.34 10.60
CA LEU A 25 -34.48 -17.42 9.47
C LEU A 25 -33.03 -17.27 8.97
N ALA A 26 -32.08 -17.14 9.90
CA ALA A 26 -30.67 -16.99 9.58
C ALA A 26 -30.13 -18.14 8.75
N THR A 27 -30.37 -19.39 9.17
CA THR A 27 -29.90 -20.54 8.41
C THR A 27 -30.56 -20.61 7.04
N THR A 28 -31.82 -20.19 6.96
CA THR A 28 -32.55 -20.22 5.69
C THR A 28 -31.88 -19.28 4.68
N VAL A 29 -31.64 -18.04 5.10
CA VAL A 29 -31.04 -17.06 4.23
C VAL A 29 -29.54 -17.32 3.98
N LEU A 30 -28.79 -17.66 5.03
CA LEU A 30 -27.36 -17.87 4.90
C LEU A 30 -26.94 -19.07 4.08
N LYS A 31 -27.87 -19.98 3.79
CA LYS A 31 -27.57 -21.12 2.94
C LYS A 31 -27.79 -20.72 1.48
N ASN A 32 -28.46 -19.59 1.30
CA ASN A 32 -28.78 -19.06 -0.03
C ASN A 32 -27.85 -17.97 -0.60
N TYR A 33 -27.40 -17.04 0.24
CA TYR A 33 -26.54 -15.95 -0.23
C TYR A 33 -25.31 -15.77 0.60
N ASN A 34 -24.37 -15.02 0.02
CA ASN A 34 -23.12 -14.67 0.66
C ASN A 34 -23.55 -13.82 1.85
N ALA A 35 -22.92 -14.04 3.01
CA ALA A 35 -23.28 -13.29 4.22
C ALA A 35 -23.27 -11.79 4.04
N ASP A 36 -22.26 -11.26 3.35
CA ASP A 36 -22.16 -9.83 3.11
C ASP A 36 -23.32 -9.31 2.24
N ASP A 37 -23.76 -10.13 1.29
CA ASP A 37 -24.87 -9.74 0.40
C ASP A 37 -26.18 -9.80 1.14
N ALA A 38 -26.36 -10.85 1.93
CA ALA A 38 -27.57 -11.06 2.71
C ALA A 38 -27.72 -10.04 3.84
N LEU A 39 -26.62 -9.75 4.51
CA LEU A 39 -26.62 -8.85 5.64
C LEU A 39 -26.38 -7.39 5.37
N LEU A 40 -26.11 -7.02 4.13
CA LEU A 40 -25.92 -5.62 3.78
C LEU A 40 -27.16 -4.87 4.31
N ASN A 41 -26.93 -3.85 5.14
CA ASN A 41 -28.00 -3.09 5.76
C ASN A 41 -28.32 -1.80 5.01
N LYS A 42 -29.36 -1.81 4.20
CA LYS A 42 -29.73 -0.63 3.45
C LYS A 42 -30.23 0.56 4.29
N THR A 43 -30.74 0.32 5.48
CA THR A 43 -31.20 1.42 6.33
C THR A 43 -29.99 2.29 6.72
N ARG A 44 -28.89 1.61 7.00
CA ARG A 44 -27.62 2.20 7.37
C ARG A 44 -26.94 2.79 6.14
N LEU A 45 -27.00 2.05 5.02
CA LEU A 45 -26.42 2.48 3.75
C LEU A 45 -27.04 3.79 3.37
N GLN A 46 -28.36 3.88 3.55
CA GLN A 46 -29.11 5.08 3.23
C GLN A 46 -28.48 6.33 3.84
N LYS A 47 -27.99 6.22 5.07
CA LYS A 47 -27.37 7.35 5.76
C LYS A 47 -25.87 7.49 5.48
N GLN A 48 -25.16 6.37 5.46
CA GLN A 48 -23.72 6.38 5.26
C GLN A 48 -23.19 6.68 3.86
N ASP A 49 -23.96 6.37 2.83
CA ASP A 49 -23.52 6.64 1.47
C ASP A 49 -23.71 8.14 1.21
N ASN A 50 -22.83 8.95 1.79
CA ASN A 50 -22.94 10.40 1.67
C ASN A 50 -21.71 10.95 0.99
N ARG A 51 -21.91 11.64 -0.14
CA ARG A 51 -20.78 12.17 -0.89
C ARG A 51 -20.57 13.67 -0.79
N VAL A 52 -21.01 14.27 0.30
CA VAL A 52 -20.80 15.70 0.48
C VAL A 52 -19.60 15.83 1.40
N PHE A 53 -18.56 16.52 0.95
CA PHE A 53 -17.36 16.74 1.75
C PHE A 53 -17.05 18.22 1.77
N ASN A 54 -17.02 18.82 2.96
CA ASN A 54 -16.75 20.26 3.06
C ASN A 54 -15.29 20.63 2.95
N THR A 55 -14.40 19.67 3.10
CA THR A 55 -12.98 19.94 2.98
C THR A 55 -12.42 19.00 1.90
N VAL A 56 -12.14 19.55 0.72
CA VAL A 56 -11.62 18.76 -0.38
C VAL A 56 -10.44 19.42 -1.12
N VAL A 57 -9.61 18.58 -1.72
CA VAL A 57 -8.45 19.01 -2.49
C VAL A 57 -9.02 19.60 -3.80
N SER A 58 -8.65 20.86 -4.07
CA SER A 58 -9.12 21.61 -5.25
C SER A 58 -8.99 20.92 -6.59
N THR A 59 -7.87 20.28 -6.83
CA THR A 59 -7.64 19.59 -8.08
C THR A 59 -8.37 18.25 -8.10
N ASP A 60 -8.91 17.88 -9.26
CA ASP A 60 -9.63 16.62 -9.40
C ASP A 60 -8.76 15.50 -9.99
N SER A 61 -8.86 14.31 -9.41
CA SER A 61 -8.10 13.13 -9.84
C SER A 61 -8.54 12.71 -11.24
N THR A 62 -7.88 13.25 -12.26
CA THR A 62 -8.25 12.92 -13.62
C THR A 62 -7.09 12.38 -14.48
N PRO A 63 -7.24 11.16 -15.03
CA PRO A 63 -8.43 10.29 -14.90
C PRO A 63 -8.33 9.28 -13.76
N VAL A 64 -9.39 8.51 -13.55
CA VAL A 64 -9.38 7.47 -12.51
C VAL A 64 -8.44 6.38 -13.04
N THR A 65 -7.52 5.95 -12.19
CA THR A 65 -6.53 4.96 -12.57
C THR A 65 -6.96 3.53 -12.27
N ASN A 66 -6.31 2.58 -12.91
CA ASN A 66 -6.63 1.18 -12.70
C ASN A 66 -5.36 0.34 -12.72
N GLN A 67 -5.00 -0.24 -11.57
CA GLN A 67 -3.81 -1.09 -11.45
C GLN A 67 -3.99 -2.45 -12.11
N LYS A 68 -5.25 -2.82 -12.37
CA LYS A 68 -5.59 -4.11 -12.97
C LYS A 68 -5.09 -5.27 -12.09
N SER A 69 -4.66 -6.37 -12.70
CA SER A 69 -4.19 -7.52 -11.94
C SER A 69 -2.75 -7.45 -11.44
N SER A 70 -2.48 -6.48 -10.57
CA SER A 70 -1.15 -6.29 -10.02
C SER A 70 -1.34 -5.67 -8.65
N GLY A 71 -0.32 -5.78 -7.79
CA GLY A 71 -0.38 -5.17 -6.46
C GLY A 71 0.41 -3.88 -6.44
N ARG A 72 0.17 -3.02 -7.43
CA ARG A 72 0.85 -1.73 -7.56
C ARG A 72 0.10 -0.53 -6.97
N CYS A 73 -0.82 -0.79 -6.03
CA CYS A 73 -1.64 0.26 -5.41
C CYS A 73 -0.80 1.37 -4.83
N TRP A 74 0.19 0.98 -4.05
CA TRP A 74 1.10 1.93 -3.40
C TRP A 74 1.75 2.93 -4.37
N LEU A 75 2.12 2.47 -5.55
CA LEU A 75 2.73 3.31 -6.57
C LEU A 75 1.67 4.19 -7.17
N PHE A 76 0.48 3.64 -7.40
CA PHE A 76 -0.63 4.43 -7.96
C PHE A 76 -1.03 5.53 -6.99
N ALA A 77 -1.22 5.17 -5.72
CA ALA A 77 -1.62 6.12 -4.67
C ALA A 77 -0.59 7.23 -4.43
N ALA A 78 0.69 6.84 -4.39
CA ALA A 78 1.81 7.78 -4.18
C ALA A 78 1.90 8.73 -5.36
N THR A 79 1.74 8.20 -6.56
CA THR A 79 1.77 9.03 -7.76
C THR A 79 0.44 9.77 -7.95
N ASN A 80 -0.64 9.23 -7.38
CA ASN A 80 -1.92 9.91 -7.52
C ASN A 80 -1.86 11.19 -6.70
N GLN A 81 -1.13 11.13 -5.59
CA GLN A 81 -0.98 12.31 -4.73
C GLN A 81 -0.17 13.37 -5.48
N LEU A 82 0.87 12.94 -6.18
CA LEU A 82 1.72 13.86 -6.91
C LEU A 82 1.18 14.39 -8.24
N ARG A 83 0.42 13.56 -8.98
CA ARG A 83 -0.14 13.95 -10.28
C ARG A 83 -0.90 15.26 -10.16
N LEU A 84 -1.58 15.45 -9.03
CA LEU A 84 -2.36 16.65 -8.76
C LEU A 84 -1.55 17.93 -8.89
N ASN A 85 -0.25 17.85 -8.60
CA ASN A 85 0.64 19.01 -8.70
C ASN A 85 0.90 19.32 -10.16
N VAL A 86 1.18 18.30 -10.94
CA VAL A 86 1.44 18.51 -12.35
C VAL A 86 0.16 19.04 -13.00
N LEU A 87 -0.94 18.29 -12.83
CA LEU A 87 -2.25 18.67 -13.37
C LEU A 87 -2.51 20.15 -13.18
N SER A 88 -2.30 20.58 -11.94
CA SER A 88 -2.52 21.94 -11.52
C SER A 88 -1.51 22.91 -12.12
N GLU A 89 -0.23 22.65 -11.90
CA GLU A 89 0.83 23.54 -12.40
C GLU A 89 0.92 23.67 -13.91
N LEU A 90 0.42 22.69 -14.65
CA LEU A 90 0.46 22.74 -16.12
C LEU A 90 -0.91 22.93 -16.79
N ASN A 91 -1.94 23.14 -15.96
CA ASN A 91 -3.31 23.36 -16.44
C ASN A 91 -3.72 22.27 -17.42
N LEU A 92 -3.74 21.04 -16.94
CA LEU A 92 -4.06 19.89 -17.76
C LEU A 92 -5.43 19.32 -17.37
N LYS A 93 -6.19 18.82 -18.35
CA LYS A 93 -7.50 18.24 -18.04
C LYS A 93 -7.31 16.88 -17.39
N GLU A 94 -6.45 16.06 -18.00
CA GLU A 94 -6.14 14.72 -17.50
C GLU A 94 -4.62 14.56 -17.45
N PHE A 95 -4.11 13.83 -16.48
CA PHE A 95 -2.68 13.57 -16.36
C PHE A 95 -2.34 12.42 -15.45
N GLU A 96 -1.29 11.68 -15.82
CA GLU A 96 -0.79 10.55 -15.07
C GLU A 96 0.71 10.45 -15.18
N LEU A 97 1.34 10.16 -14.05
CA LEU A 97 2.77 9.93 -13.98
C LEU A 97 2.87 8.45 -14.32
N SER A 98 4.03 8.02 -14.80
CA SER A 98 4.20 6.63 -15.17
C SER A 98 4.34 5.68 -13.97
N GLN A 99 3.32 4.86 -13.72
CA GLN A 99 3.36 3.89 -12.61
C GLN A 99 4.25 2.73 -13.02
N ALA A 100 4.18 2.38 -14.31
CA ALA A 100 4.96 1.30 -14.88
C ALA A 100 6.47 1.54 -14.76
N TYR A 101 6.86 2.81 -14.87
CA TYR A 101 8.26 3.24 -14.77
C TYR A 101 8.86 2.75 -13.45
N LEU A 102 8.17 3.11 -12.37
CA LEU A 102 8.54 2.74 -11.02
C LEU A 102 8.42 1.23 -10.82
N PHE A 103 7.40 0.64 -11.43
CA PHE A 103 7.15 -0.81 -11.33
C PHE A 103 8.32 -1.59 -11.90
N PHE A 104 8.82 -1.17 -13.05
CA PHE A 104 9.95 -1.85 -13.67
C PHE A 104 11.14 -1.85 -12.73
N TYR A 105 11.51 -0.66 -12.27
CA TYR A 105 12.65 -0.55 -11.37
C TYR A 105 12.47 -1.22 -10.03
N ASP A 106 11.25 -1.17 -9.50
CA ASP A 106 10.96 -1.79 -8.22
C ASP A 106 11.16 -3.28 -8.31
N LYS A 107 10.67 -3.91 -9.37
CA LYS A 107 10.81 -5.34 -9.49
C LYS A 107 12.26 -5.75 -9.72
N LEU A 108 12.99 -4.99 -10.53
CA LEU A 108 14.40 -5.29 -10.80
C LEU A 108 15.17 -5.22 -9.49
N GLU A 109 14.95 -4.16 -8.74
CA GLU A 109 15.64 -3.92 -7.48
C GLU A 109 15.37 -4.97 -6.39
N LYS A 110 14.13 -5.46 -6.32
CA LYS A 110 13.75 -6.45 -5.32
C LYS A 110 14.40 -7.80 -5.63
N ALA A 111 14.51 -8.13 -6.91
CA ALA A 111 15.15 -9.39 -7.32
C ALA A 111 16.63 -9.30 -6.90
N ASN A 112 17.22 -8.14 -7.16
CA ASN A 112 18.62 -7.90 -6.81
C ASN A 112 18.79 -7.89 -5.29
N TYR A 113 17.89 -7.18 -4.61
CA TYR A 113 17.89 -7.04 -3.15
C TYR A 113 17.78 -8.41 -2.47
N PHE A 114 16.95 -9.28 -3.06
CA PHE A 114 16.75 -10.63 -2.55
C PHE A 114 18.08 -11.37 -2.48
N LEU A 115 18.84 -11.31 -3.57
CA LEU A 115 20.14 -11.99 -3.66
C LEU A 115 21.05 -11.61 -2.49
N ASP A 116 21.08 -10.32 -2.18
CA ASP A 116 21.88 -9.83 -1.08
C ASP A 116 21.34 -10.39 0.23
N GLN A 117 20.01 -10.41 0.38
CA GLN A 117 19.39 -10.94 1.60
C GLN A 117 19.77 -12.39 1.82
N ILE A 118 19.86 -13.17 0.75
CA ILE A 118 20.23 -14.58 0.84
C ILE A 118 21.69 -14.70 1.27
N VAL A 119 22.54 -13.86 0.68
CA VAL A 119 23.96 -13.83 1.00
C VAL A 119 24.17 -13.48 2.48
N SER A 120 23.47 -12.45 2.96
CA SER A 120 23.59 -12.04 4.35
C SER A 120 22.98 -13.01 5.39
N SER A 121 22.19 -13.98 4.93
CA SER A 121 21.58 -14.97 5.83
C SER A 121 22.05 -16.38 5.46
N ALA A 122 23.13 -16.45 4.70
CA ALA A 122 23.71 -17.72 4.25
C ALA A 122 24.11 -18.66 5.39
N ASP A 123 24.33 -18.09 6.57
CA ASP A 123 24.72 -18.86 7.75
C ASP A 123 23.55 -19.57 8.41
N GLN A 124 22.33 -19.20 8.04
CA GLN A 124 21.13 -19.80 8.63
C GLN A 124 20.67 -21.00 7.84
N ASP A 125 19.95 -21.92 8.48
CA ASP A 125 19.48 -23.13 7.81
C ASP A 125 18.45 -22.80 6.77
N ILE A 126 18.41 -23.60 5.73
CA ILE A 126 17.47 -23.39 4.64
C ILE A 126 16.03 -23.34 5.16
N ASP A 127 15.76 -24.12 6.21
CA ASP A 127 14.42 -24.18 6.78
C ASP A 127 14.14 -23.21 7.92
N SER A 128 15.03 -22.24 8.11
CA SER A 128 14.83 -21.25 9.15
C SER A 128 13.68 -20.37 8.72
N ARG A 129 13.08 -19.69 9.70
CA ARG A 129 11.96 -18.80 9.47
C ARG A 129 12.33 -17.67 8.49
N LEU A 130 13.51 -17.07 8.68
CA LEU A 130 13.95 -15.98 7.81
C LEU A 130 14.20 -16.41 6.38
N VAL A 131 14.99 -17.46 6.19
CA VAL A 131 15.29 -17.91 4.84
C VAL A 131 14.01 -18.34 4.09
N GLN A 132 13.11 -19.05 4.76
CA GLN A 132 11.86 -19.47 4.14
C GLN A 132 11.00 -18.26 3.79
N TYR A 133 11.11 -17.22 4.61
CA TYR A 133 10.37 -15.99 4.39
C TYR A 133 10.91 -15.26 3.15
N LEU A 134 12.23 -15.19 3.03
CA LEU A 134 12.88 -14.51 1.91
C LEU A 134 12.51 -15.20 0.63
N LEU A 135 12.33 -16.51 0.71
CA LEU A 135 11.99 -17.34 -0.43
C LEU A 135 10.51 -17.35 -0.80
N ALA A 136 9.64 -16.88 0.10
CA ALA A 136 8.21 -16.87 -0.14
C ALA A 136 7.74 -16.00 -1.31
N ALA A 137 8.02 -14.70 -1.28
CA ALA A 137 7.58 -13.79 -2.35
C ALA A 137 8.63 -12.73 -2.63
N PRO A 138 9.79 -13.15 -3.15
CA PRO A 138 10.82 -12.16 -3.41
C PRO A 138 10.50 -11.00 -4.36
N THR A 139 9.60 -11.20 -5.33
CA THR A 139 9.31 -10.11 -6.28
C THR A 139 7.89 -9.51 -6.23
N GLU A 140 7.17 -9.76 -5.14
CA GLU A 140 5.81 -9.26 -5.01
C GLU A 140 5.70 -7.78 -5.36
N ASP A 141 4.57 -7.42 -5.96
CA ASP A 141 4.31 -6.05 -6.39
C ASP A 141 4.17 -5.01 -5.29
N GLY A 142 3.68 -5.43 -4.13
CA GLY A 142 3.45 -4.52 -3.02
C GLY A 142 4.65 -3.80 -2.42
N GLY A 143 4.39 -2.65 -1.82
CA GLY A 143 5.48 -1.91 -1.21
C GLY A 143 5.00 -0.89 -0.20
N GLN A 144 5.96 -0.15 0.35
CA GLN A 144 5.73 0.87 1.36
C GLN A 144 6.13 2.22 0.80
N TYR A 145 5.78 3.31 1.49
CA TYR A 145 6.14 4.64 1.00
C TYR A 145 7.66 4.91 0.96
N SER A 146 8.40 4.47 1.98
CA SER A 146 9.86 4.64 2.05
C SER A 146 10.49 3.95 0.85
N MET A 147 9.91 2.82 0.47
CA MET A 147 10.36 2.04 -0.68
C MET A 147 10.00 2.82 -1.95
N PHE A 148 8.93 3.61 -1.88
CA PHE A 148 8.51 4.43 -3.00
C PHE A 148 9.57 5.53 -3.21
N LEU A 149 9.97 6.19 -2.12
CA LEU A 149 10.99 7.24 -2.16
C LEU A 149 12.36 6.70 -2.55
N ASN A 150 12.67 5.48 -2.13
CA ASN A 150 13.93 4.87 -2.50
C ASN A 150 14.05 4.91 -4.01
N LEU A 151 12.96 4.54 -4.70
CA LEU A 151 12.95 4.52 -6.17
C LEU A 151 13.00 5.90 -6.79
N VAL A 152 12.23 6.85 -6.24
CA VAL A 152 12.20 8.21 -6.79
C VAL A 152 13.56 8.90 -6.66
N LYS A 153 14.28 8.58 -5.59
CA LYS A 153 15.59 9.18 -5.36
C LYS A 153 16.61 8.72 -6.38
N LYS A 154 16.56 7.44 -6.73
CA LYS A 154 17.49 6.88 -7.68
C LYS A 154 17.02 7.03 -9.12
N TYR A 155 15.70 7.02 -9.33
CA TYR A 155 15.21 7.07 -10.70
C TYR A 155 14.35 8.25 -11.16
N GLY A 156 13.88 9.07 -10.24
CA GLY A 156 13.04 10.19 -10.65
C GLY A 156 11.64 9.75 -11.06
N LEU A 157 10.90 10.66 -11.71
CA LEU A 157 9.53 10.41 -12.17
C LEU A 157 9.40 10.86 -13.62
N ILE A 158 8.46 10.26 -14.33
CA ILE A 158 8.26 10.56 -15.74
C ILE A 158 6.75 10.53 -16.08
N PRO A 159 6.30 11.29 -17.09
CA PRO A 159 4.89 11.30 -17.49
C PRO A 159 4.56 9.96 -18.15
N LYS A 160 3.38 9.45 -17.87
CA LYS A 160 2.93 8.18 -18.44
C LYS A 160 2.95 8.18 -19.97
N ASP A 161 2.87 9.36 -20.58
CA ASP A 161 2.88 9.43 -22.03
C ASP A 161 4.14 8.83 -22.66
N LEU A 162 5.25 8.79 -21.91
CA LEU A 162 6.50 8.25 -22.42
C LEU A 162 6.72 6.77 -22.14
N TYR A 163 5.95 6.22 -21.21
CA TYR A 163 6.12 4.82 -20.79
C TYR A 163 4.88 4.43 -19.97
N GLY A 164 3.94 3.71 -20.58
CA GLY A 164 2.74 3.33 -19.88
C GLY A 164 2.47 1.87 -19.55
N ASP A 165 1.21 1.53 -19.35
CA ASP A 165 0.80 0.18 -19.02
C ASP A 165 0.58 -0.72 -20.25
N LEU A 166 1.29 -0.43 -21.32
CA LEU A 166 1.18 -1.20 -22.55
C LEU A 166 1.48 -2.69 -22.43
N PRO A 167 2.61 -3.07 -21.80
CA PRO A 167 2.89 -4.50 -21.68
C PRO A 167 1.87 -5.32 -20.91
N TYR A 168 1.66 -6.54 -21.37
CA TYR A 168 0.76 -7.47 -20.74
C TYR A 168 1.03 -7.59 -19.22
N SER A 169 2.30 -7.70 -18.86
CA SER A 169 2.71 -7.87 -17.46
C SER A 169 2.46 -6.75 -16.45
N THR A 170 2.16 -5.54 -16.91
CA THR A 170 1.88 -4.43 -15.98
C THR A 170 0.48 -4.58 -15.40
N THR A 171 -0.42 -5.13 -16.19
CA THR A 171 -1.81 -5.31 -15.78
C THR A 171 -2.16 -6.78 -15.43
N ALA A 172 -1.20 -7.68 -15.59
CA ALA A 172 -1.37 -9.10 -15.26
C ALA A 172 0.01 -9.67 -14.93
N SER A 173 0.54 -9.22 -13.80
CA SER A 173 1.88 -9.58 -13.36
C SER A 173 2.11 -10.95 -12.73
N ARG A 174 1.05 -11.72 -12.47
CA ARG A 174 1.22 -13.01 -11.83
C ARG A 174 2.26 -13.94 -12.46
N LYS A 175 2.13 -14.21 -13.76
CA LYS A 175 3.04 -15.10 -14.47
C LYS A 175 4.49 -14.65 -14.43
N TRP A 176 4.71 -13.37 -14.79
CA TRP A 176 6.05 -12.75 -14.79
C TRP A 176 6.74 -12.98 -13.44
N ASN A 177 6.06 -12.60 -12.36
CA ASN A 177 6.58 -12.80 -11.01
C ASN A 177 6.92 -14.27 -10.76
N SER A 178 6.05 -15.17 -11.20
CA SER A 178 6.24 -16.60 -11.03
C SER A 178 7.51 -17.07 -11.75
N LEU A 179 7.67 -16.67 -13.00
CA LEU A 179 8.88 -17.03 -13.74
C LEU A 179 10.14 -16.51 -13.05
N LEU A 180 10.12 -15.24 -12.65
CA LEU A 180 11.26 -14.64 -11.96
C LEU A 180 11.59 -15.34 -10.65
N THR A 181 10.57 -15.56 -9.85
CA THR A 181 10.72 -16.17 -8.54
C THR A 181 11.24 -17.58 -8.61
N THR A 182 10.81 -18.33 -9.63
CA THR A 182 11.28 -19.68 -9.80
C THR A 182 12.81 -19.64 -10.03
N LYS A 183 13.29 -18.70 -10.84
CA LYS A 183 14.72 -18.53 -11.11
C LYS A 183 15.47 -18.11 -9.84
N LEU A 184 14.97 -17.08 -9.17
CA LEU A 184 15.59 -16.61 -7.94
C LEU A 184 15.76 -17.72 -6.90
N ARG A 185 14.83 -18.66 -6.82
CA ARG A 185 14.90 -19.76 -5.86
C ARG A 185 15.99 -20.73 -6.27
N GLU A 186 16.30 -20.73 -7.56
CA GLU A 186 17.35 -21.56 -8.09
C GLU A 186 18.65 -20.86 -7.70
N PHE A 187 18.69 -19.55 -7.92
CA PHE A 187 19.86 -18.73 -7.60
C PHE A 187 20.19 -18.77 -6.13
N ALA A 188 19.14 -18.75 -5.30
CA ALA A 188 19.28 -18.79 -3.85
C ALA A 188 20.09 -20.02 -3.47
N GLU A 189 19.75 -21.17 -4.04
CA GLU A 189 20.46 -22.40 -3.75
C GLU A 189 21.91 -22.31 -4.21
N THR A 190 22.11 -21.85 -5.45
CA THR A 190 23.42 -21.71 -6.03
C THR A 190 24.33 -20.78 -5.22
N LEU A 191 23.80 -19.66 -4.75
CA LEU A 191 24.58 -18.75 -3.94
C LEU A 191 25.03 -19.42 -2.63
N ARG A 192 24.07 -19.93 -1.87
CA ARG A 192 24.32 -20.56 -0.57
C ARG A 192 25.34 -21.68 -0.67
N THR A 193 25.23 -22.49 -1.71
CA THR A 193 26.15 -23.58 -1.95
C THR A 193 27.58 -23.03 -2.10
N ALA A 194 27.72 -22.01 -2.95
CA ALA A 194 29.00 -21.38 -3.21
C ALA A 194 29.50 -20.65 -1.98
N LEU A 195 28.56 -20.28 -1.10
CA LEU A 195 28.91 -19.60 0.11
C LEU A 195 29.36 -20.54 1.24
N LYS A 196 29.23 -21.84 1.03
CA LYS A 196 29.65 -22.78 2.04
C LYS A 196 31.17 -22.90 1.99
N GLU A 197 31.70 -22.86 0.76
CA GLU A 197 33.13 -22.97 0.56
C GLU A 197 33.85 -21.62 0.58
N ARG A 198 33.24 -20.59 0.00
CA ARG A 198 33.86 -19.26 -0.10
C ARG A 198 33.22 -18.11 0.70
N SER A 199 33.88 -16.95 0.68
CA SER A 199 33.39 -15.76 1.36
C SER A 199 32.71 -14.88 0.33
N ALA A 200 31.80 -14.01 0.78
CA ALA A 200 31.05 -13.13 -0.13
C ALA A 200 31.93 -12.16 -0.90
N ASP A 201 33.03 -11.75 -0.26
CA ASP A 201 33.98 -10.81 -0.87
C ASP A 201 34.82 -11.48 -1.94
N ASP A 202 34.74 -12.80 -1.99
CA ASP A 202 35.48 -13.60 -2.94
C ASP A 202 35.19 -13.18 -4.36
N SER A 203 36.23 -13.15 -5.18
CA SER A 203 36.09 -12.80 -6.59
C SER A 203 35.05 -13.70 -7.29
N ILE A 204 35.09 -15.00 -6.98
CA ILE A 204 34.16 -15.97 -7.55
C ILE A 204 32.70 -15.66 -7.23
N ILE A 205 32.42 -15.36 -5.96
CA ILE A 205 31.06 -15.04 -5.53
C ILE A 205 30.63 -13.76 -6.26
N VAL A 206 31.49 -12.76 -6.24
CA VAL A 206 31.20 -11.49 -6.89
C VAL A 206 30.80 -11.70 -8.35
N THR A 207 31.57 -12.55 -9.04
CA THR A 207 31.29 -12.88 -10.44
C THR A 207 29.93 -13.56 -10.52
N LEU A 208 29.68 -14.50 -9.62
CA LEU A 208 28.42 -15.23 -9.60
C LEU A 208 27.22 -14.31 -9.50
N ARG A 209 27.25 -13.40 -8.55
CA ARG A 209 26.13 -12.47 -8.38
C ARG A 209 25.88 -11.58 -9.62
N GLU A 210 26.95 -11.23 -10.33
CA GLU A 210 26.81 -10.39 -11.52
C GLU A 210 26.08 -11.12 -12.67
N GLN A 211 26.35 -12.41 -12.79
CA GLN A 211 25.73 -13.23 -13.81
C GLN A 211 24.24 -13.47 -13.48
N MET A 212 23.90 -13.42 -12.19
CA MET A 212 22.53 -13.59 -11.72
C MET A 212 21.76 -12.31 -12.00
N GLN A 213 22.39 -11.20 -11.67
CA GLN A 213 21.84 -9.87 -11.90
C GLN A 213 21.56 -9.71 -13.39
N ARG A 214 22.48 -10.18 -14.21
CA ARG A 214 22.34 -10.08 -15.65
C ARG A 214 21.17 -10.89 -16.19
N GLU A 215 21.02 -12.13 -15.73
CA GLU A 215 19.93 -13.00 -16.16
C GLU A 215 18.58 -12.43 -15.69
N ILE A 216 18.58 -11.83 -14.51
CA ILE A 216 17.41 -11.19 -13.91
C ILE A 216 16.98 -10.03 -14.81
N PHE A 217 17.94 -9.22 -15.25
CA PHE A 217 17.61 -8.12 -16.15
C PHE A 217 17.18 -8.66 -17.51
N ARG A 218 17.87 -9.69 -17.99
CA ARG A 218 17.55 -10.27 -19.28
C ARG A 218 16.10 -10.74 -19.31
N LEU A 219 15.68 -11.46 -18.25
CA LEU A 219 14.32 -11.96 -18.13
C LEU A 219 13.27 -10.84 -17.97
N MET A 220 13.59 -9.80 -17.22
CA MET A 220 12.65 -8.71 -17.06
C MET A 220 12.43 -7.90 -18.32
N SER A 221 13.48 -7.78 -19.13
CA SER A 221 13.42 -7.03 -20.38
C SER A 221 12.60 -7.76 -21.44
N LEU A 222 12.31 -9.04 -21.20
CA LEU A 222 11.49 -9.81 -22.12
C LEU A 222 9.99 -9.47 -21.93
N PHE A 223 9.63 -9.04 -20.72
CA PHE A 223 8.25 -8.72 -20.37
C PHE A 223 7.95 -7.23 -20.34
N MET A 224 8.98 -6.42 -20.16
CA MET A 224 8.85 -4.97 -20.15
C MET A 224 10.15 -4.36 -20.69
N ASP A 225 10.06 -3.21 -21.36
CA ASP A 225 11.26 -2.55 -21.87
C ASP A 225 11.82 -1.67 -20.75
N ILE A 226 13.15 -1.54 -20.70
CA ILE A 226 13.78 -0.68 -19.71
C ILE A 226 13.28 0.70 -20.12
N PRO A 227 12.94 1.58 -19.15
CA PRO A 227 12.46 2.90 -19.53
C PRO A 227 13.33 3.54 -20.64
N PRO A 228 12.71 4.35 -21.52
CA PRO A 228 13.39 5.03 -22.63
C PRO A 228 14.55 5.99 -22.32
N VAL A 229 14.54 6.59 -21.13
CA VAL A 229 15.60 7.51 -20.74
C VAL A 229 16.11 7.12 -19.38
N GLN A 230 17.39 7.40 -19.14
CA GLN A 230 18.04 7.11 -17.87
C GLN A 230 17.67 8.26 -16.95
N PRO A 231 17.80 8.08 -15.63
CA PRO A 231 17.42 9.14 -14.68
C PRO A 231 17.97 10.58 -14.91
N ASN A 232 19.19 10.69 -15.42
CA ASN A 232 19.78 12.00 -15.67
C ASN A 232 19.74 12.37 -17.14
N GLU A 233 19.09 11.53 -17.94
CA GLU A 233 18.98 11.74 -19.36
C GLU A 233 17.74 12.55 -19.72
N GLN A 234 17.89 13.44 -20.69
CA GLN A 234 16.80 14.30 -21.11
C GLN A 234 15.76 13.62 -21.98
N PHE A 235 14.52 14.05 -21.80
CA PHE A 235 13.40 13.57 -22.58
C PHE A 235 12.62 14.80 -22.96
N THR A 236 11.91 14.70 -24.07
CA THR A 236 11.07 15.77 -24.56
C THR A 236 9.62 15.27 -24.50
N TRP A 237 8.75 16.06 -23.91
CA TRP A 237 7.34 15.70 -23.77
C TRP A 237 6.44 16.82 -24.30
N GLU A 238 5.70 16.52 -25.37
CA GLU A 238 4.77 17.48 -25.97
C GLU A 238 3.40 17.15 -25.40
N TYR A 239 2.65 18.18 -25.03
CA TYR A 239 1.34 17.99 -24.45
C TYR A 239 0.43 19.17 -24.80
N VAL A 240 -0.86 19.01 -24.50
CA VAL A 240 -1.89 20.03 -24.75
C VAL A 240 -2.54 20.38 -23.40
N ASP A 241 -2.60 21.68 -23.08
CA ASP A 241 -3.22 22.11 -21.83
C ASP A 241 -4.72 22.17 -22.00
N LYS A 242 -5.44 22.55 -20.94
CA LYS A 242 -6.90 22.62 -21.02
C LYS A 242 -7.37 23.57 -22.10
N ASP A 243 -6.51 24.51 -22.48
CA ASP A 243 -6.87 25.49 -23.50
C ASP A 243 -6.54 25.06 -24.92
N LYS A 244 -6.36 23.76 -25.13
CA LYS A 244 -6.06 23.27 -26.47
C LYS A 244 -4.74 23.84 -26.98
N LYS A 245 -3.89 24.27 -26.07
CA LYS A 245 -2.59 24.83 -26.44
C LYS A 245 -1.48 23.79 -26.26
N ILE A 246 -0.66 23.64 -27.30
CA ILE A 246 0.45 22.70 -27.31
C ILE A 246 1.72 23.22 -26.64
N HIS A 247 2.37 22.34 -25.87
CA HIS A 247 3.59 22.67 -25.14
C HIS A 247 4.59 21.54 -25.25
N THR A 248 5.85 21.86 -25.01
CA THR A 248 6.92 20.88 -25.05
C THR A 248 7.82 21.11 -23.85
N ILE A 249 8.11 20.05 -23.12
CA ILE A 249 8.98 20.12 -21.95
C ILE A 249 10.14 19.15 -22.15
N LYS A 250 11.35 19.66 -21.93
CA LYS A 250 12.55 18.86 -22.04
C LYS A 250 13.04 18.84 -20.60
N SER A 251 13.21 17.66 -20.03
CA SER A 251 13.65 17.54 -18.64
C SER A 251 14.33 16.19 -18.49
N THR A 252 14.61 15.79 -17.26
CA THR A 252 15.22 14.49 -17.00
C THR A 252 14.27 13.86 -15.98
N PRO A 253 14.24 12.52 -15.89
CA PRO A 253 13.34 11.89 -14.91
C PRO A 253 13.53 12.46 -13.51
N LEU A 254 14.78 12.67 -13.12
CA LEU A 254 15.09 13.20 -11.78
C LEU A 254 14.73 14.66 -11.60
N GLU A 255 14.92 15.47 -12.64
CA GLU A 255 14.56 16.88 -12.54
C GLU A 255 13.04 17.03 -12.55
N PHE A 256 12.39 16.30 -13.44
CA PHE A 256 10.93 16.35 -13.58
C PHE A 256 10.22 16.09 -12.25
N ALA A 257 10.76 15.15 -11.47
CA ALA A 257 10.21 14.79 -10.18
C ALA A 257 10.13 15.97 -9.22
N SER A 258 11.17 16.78 -9.16
CA SER A 258 11.18 17.94 -8.27
C SER A 258 10.46 19.09 -8.94
N LYS A 259 11.00 19.48 -10.08
CA LYS A 259 10.52 20.60 -10.87
C LYS A 259 9.02 20.61 -11.20
N TYR A 260 8.50 19.49 -11.70
CA TYR A 260 7.10 19.43 -12.07
C TYR A 260 6.19 18.70 -11.09
N ALA A 261 6.67 17.57 -10.58
CA ALA A 261 5.90 16.78 -9.62
C ALA A 261 5.98 17.32 -8.19
N LYS A 262 6.86 18.29 -7.97
CA LYS A 262 7.05 18.94 -6.66
C LYS A 262 7.35 18.03 -5.47
N LEU A 263 8.11 16.97 -5.69
CA LEU A 263 8.46 16.06 -4.61
C LEU A 263 9.86 16.36 -4.08
N ASP A 264 9.97 16.54 -2.77
CA ASP A 264 11.23 16.76 -2.08
C ASP A 264 11.23 15.51 -1.23
N PRO A 265 11.94 14.46 -1.66
CA PRO A 265 12.01 13.18 -0.96
C PRO A 265 12.36 13.26 0.51
N SER A 266 12.89 14.41 0.90
CA SER A 266 13.33 14.60 2.26
C SER A 266 12.24 14.99 3.22
N THR A 267 11.05 15.28 2.73
CA THR A 267 9.99 15.70 3.63
C THR A 267 8.95 14.68 4.09
N PRO A 268 8.56 13.74 3.21
CA PRO A 268 7.54 12.82 3.73
C PRO A 268 8.00 11.79 4.74
N VAL A 269 7.18 11.61 5.77
CA VAL A 269 7.42 10.62 6.82
C VAL A 269 6.09 9.88 6.94
N SER A 270 6.16 8.59 7.27
CA SER A 270 4.95 7.80 7.42
C SER A 270 4.67 7.54 8.90
N LEU A 271 3.46 7.91 9.29
CA LEU A 271 2.99 7.77 10.64
C LEU A 271 2.13 6.53 10.65
N ILE A 272 2.26 5.73 11.71
CA ILE A 272 1.52 4.49 11.80
C ILE A 272 0.69 4.50 13.07
N ASN A 273 -0.36 3.69 13.11
CA ASN A 273 -1.16 3.59 14.33
C ASN A 273 -1.18 2.13 14.77
N ASP A 274 -0.12 1.75 15.47
CA ASP A 274 0.04 0.39 15.94
C ASP A 274 -0.14 0.35 17.45
N PRO A 275 -1.36 0.03 17.90
CA PRO A 275 -1.71 -0.04 19.32
C PRO A 275 -0.92 -1.03 20.20
N ARG A 276 -0.12 -1.91 19.60
CA ARG A 276 0.65 -2.87 20.39
C ARG A 276 1.92 -2.22 20.96
N HIS A 277 2.24 -1.04 20.47
CA HIS A 277 3.45 -0.37 20.90
C HIS A 277 3.14 1.01 21.41
N PRO A 278 4.03 1.58 22.22
CA PRO A 278 3.76 2.92 22.74
C PRO A 278 3.88 3.99 21.65
N TYR A 279 3.04 5.00 21.74
CA TYR A 279 3.05 6.09 20.78
C TYR A 279 4.27 6.95 21.06
N GLY A 280 4.60 7.83 20.12
CA GLY A 280 5.76 8.69 20.27
C GLY A 280 7.04 7.91 20.04
N LYS A 281 6.87 6.60 19.80
CA LYS A 281 7.99 5.71 19.59
C LYS A 281 8.15 5.43 18.09
N LEU A 282 9.39 5.21 17.68
CA LEU A 282 9.71 4.93 16.29
C LEU A 282 9.68 3.42 16.12
N ILE A 283 9.07 2.93 15.05
CA ILE A 283 8.99 1.50 14.76
C ILE A 283 9.71 1.21 13.44
N LYS A 284 10.67 0.30 13.46
CA LYS A 284 11.43 -0.03 12.26
C LYS A 284 11.21 -1.46 11.87
N ILE A 285 11.00 -1.72 10.57
CA ILE A 285 10.82 -3.09 10.11
C ILE A 285 12.16 -3.62 9.63
N ASP A 286 12.65 -4.62 10.31
CA ASP A 286 13.93 -5.21 9.96
C ASP A 286 13.90 -5.78 8.54
N ARG A 287 15.00 -5.55 7.81
CA ARG A 287 15.24 -6.02 6.44
C ARG A 287 14.29 -5.60 5.33
N LEU A 288 13.17 -4.97 5.64
CA LEU A 288 12.22 -4.56 4.61
C LEU A 288 12.78 -3.51 3.63
N GLY A 289 12.81 -3.84 2.34
CA GLY A 289 13.29 -2.89 1.35
C GLY A 289 13.15 -3.32 -0.10
N ASN A 290 13.66 -2.51 -1.02
CA ASN A 290 13.62 -2.85 -2.42
C ASN A 290 14.92 -2.48 -3.07
N VAL A 291 15.38 -1.25 -2.83
CA VAL A 291 16.65 -0.78 -3.40
C VAL A 291 17.79 -1.14 -2.44
N LEU A 292 18.73 -1.98 -2.88
CA LEU A 292 19.86 -2.35 -2.03
C LEU A 292 20.61 -1.09 -1.63
N GLY A 293 20.52 -0.77 -0.33
CA GLY A 293 21.19 0.40 0.17
C GLY A 293 20.22 1.56 0.39
N GLY A 294 19.00 1.41 -0.10
CA GLY A 294 18.01 2.47 0.06
C GLY A 294 17.70 2.67 1.52
N ASP A 295 16.74 3.54 1.78
CA ASP A 295 16.34 3.79 3.16
C ASP A 295 15.53 2.63 3.69
N ALA A 296 15.42 2.59 5.01
CA ALA A 296 14.67 1.55 5.72
C ALA A 296 13.28 2.07 6.08
N VAL A 297 12.33 1.16 6.20
CA VAL A 297 10.96 1.52 6.55
C VAL A 297 10.92 1.79 8.04
N ILE A 298 10.56 3.02 8.42
CA ILE A 298 10.49 3.43 9.82
C ILE A 298 9.18 4.22 9.95
N TYR A 299 8.43 3.97 11.01
CA TYR A 299 7.19 4.70 11.22
C TYR A 299 7.20 5.36 12.57
N LEU A 300 6.52 6.50 12.69
CA LEU A 300 6.40 7.17 13.97
C LEU A 300 5.02 6.70 14.42
N ASN A 301 4.97 6.00 15.56
CA ASN A 301 3.71 5.49 16.11
C ASN A 301 2.94 6.61 16.81
N VAL A 302 1.76 6.95 16.28
CA VAL A 302 0.92 8.04 16.83
C VAL A 302 -0.54 7.62 17.08
N ASP A 303 -1.19 8.29 18.04
CA ASP A 303 -2.59 8.03 18.37
C ASP A 303 -3.55 8.54 17.28
N ASN A 304 -4.75 7.96 17.23
CA ASN A 304 -5.74 8.34 16.23
C ASN A 304 -6.24 9.76 16.31
N GLU A 305 -6.18 10.34 17.50
CA GLU A 305 -6.66 11.71 17.69
C GLU A 305 -5.77 12.69 16.94
N THR A 306 -4.45 12.51 17.05
CA THR A 306 -3.50 13.38 16.39
C THR A 306 -3.55 13.14 14.90
N LEU A 307 -3.55 11.84 14.56
CA LEU A 307 -3.63 11.38 13.17
C LEU A 307 -4.82 11.99 12.43
N SER A 308 -5.98 11.98 13.06
CA SER A 308 -7.18 12.55 12.45
C SER A 308 -6.96 14.02 12.11
N LYS A 309 -6.36 14.74 13.06
CA LYS A 309 -6.06 16.17 12.89
C LYS A 309 -5.03 16.42 11.79
N LEU A 310 -3.96 15.64 11.78
CA LEU A 310 -2.93 15.75 10.76
C LEU A 310 -3.54 15.59 9.36
N VAL A 311 -4.60 14.78 9.26
CA VAL A 311 -5.25 14.56 7.97
C VAL A 311 -6.09 15.78 7.60
N VAL A 312 -6.85 16.32 8.55
CA VAL A 312 -7.68 17.49 8.26
C VAL A 312 -6.78 18.66 7.85
N LYS A 313 -5.75 18.94 8.66
CA LYS A 313 -4.83 20.04 8.37
C LYS A 313 -4.22 19.88 6.97
N ARG A 314 -3.73 18.68 6.68
CA ARG A 314 -3.12 18.39 5.39
C ARG A 314 -4.11 18.66 4.25
N LEU A 315 -5.35 18.22 4.43
CA LEU A 315 -6.39 18.43 3.43
C LEU A 315 -6.64 19.93 3.27
N GLN A 316 -6.66 20.64 4.40
CA GLN A 316 -6.88 22.09 4.40
C GLN A 316 -5.74 22.80 3.69
N ASN A 317 -4.56 22.19 3.72
CA ASN A 317 -3.37 22.72 3.04
C ASN A 317 -3.38 22.25 1.59
N ASN A 318 -4.55 21.77 1.17
CA ASN A 318 -4.80 21.31 -0.18
C ASN A 318 -3.91 20.17 -0.68
N LYS A 319 -3.63 19.20 0.17
CA LYS A 319 -2.83 18.07 -0.25
C LYS A 319 -3.55 16.76 0.06
N ALA A 320 -3.39 15.78 -0.83
CA ALA A 320 -4.04 14.48 -0.68
C ALA A 320 -3.23 13.65 0.30
N VAL A 321 -3.86 12.70 0.97
CA VAL A 321 -3.18 11.89 1.98
C VAL A 321 -3.09 10.38 1.69
N PHE A 322 -1.88 9.91 1.37
CA PHE A 322 -1.62 8.50 1.12
C PHE A 322 -1.92 7.76 2.44
N PHE A 323 -2.72 6.70 2.39
CA PHE A 323 -3.00 5.93 3.60
C PHE A 323 -3.07 4.45 3.29
N GLY A 324 -2.79 3.63 4.29
CA GLY A 324 -2.80 2.19 4.15
C GLY A 324 -3.76 1.57 5.12
N SER A 325 -4.56 0.62 4.65
CA SER A 325 -5.56 -0.03 5.47
C SER A 325 -5.79 -1.47 5.07
N HIS A 326 -6.74 -2.12 5.73
CA HIS A 326 -7.05 -3.52 5.49
C HIS A 326 -8.23 -3.74 4.54
N THR A 327 -7.93 -3.74 3.24
CA THR A 327 -8.90 -3.97 2.17
C THR A 327 -9.05 -5.49 2.03
N PRO A 328 -10.28 -5.98 1.81
CA PRO A 328 -11.56 -5.27 1.70
C PRO A 328 -12.42 -5.41 2.95
N LYS A 329 -11.79 -5.36 4.12
CA LYS A 329 -12.53 -5.46 5.37
C LYS A 329 -13.54 -4.32 5.47
N PHE A 330 -14.80 -4.69 5.66
CA PHE A 330 -15.88 -3.71 5.80
C PHE A 330 -15.93 -2.70 4.66
N MET A 331 -15.63 -3.18 3.47
CA MET A 331 -15.65 -2.37 2.25
C MET A 331 -16.67 -2.92 1.25
N ASP A 332 -17.59 -2.08 0.83
CA ASP A 332 -18.59 -2.48 -0.15
C ASP A 332 -18.13 -1.89 -1.49
N LYS A 333 -17.56 -2.73 -2.34
CA LYS A 333 -17.05 -2.27 -3.62
C LYS A 333 -18.11 -1.72 -4.56
N LYS A 334 -19.32 -2.26 -4.50
CA LYS A 334 -20.37 -1.77 -5.36
C LYS A 334 -20.71 -0.31 -5.08
N THR A 335 -20.92 0.03 -3.81
CA THR A 335 -21.25 1.41 -3.44
C THR A 335 -20.01 2.24 -3.20
N GLY A 336 -18.98 1.59 -2.71
CA GLY A 336 -17.75 2.29 -2.39
C GLY A 336 -17.73 2.69 -0.91
N VAL A 337 -18.64 2.15 -0.12
CA VAL A 337 -18.72 2.48 1.31
C VAL A 337 -17.80 1.62 2.17
N MET A 338 -17.05 2.27 3.06
CA MET A 338 -16.16 1.60 4.01
C MET A 338 -16.72 1.95 5.37
N ASP A 339 -17.50 1.03 5.94
CA ASP A 339 -18.17 1.25 7.23
C ASP A 339 -18.26 -0.08 7.96
N ILE A 340 -17.68 -0.13 9.14
CA ILE A 340 -17.65 -1.36 9.92
C ILE A 340 -19.02 -1.82 10.44
N GLU A 341 -20.03 -0.97 10.27
CA GLU A 341 -21.39 -1.30 10.69
C GLU A 341 -22.38 -1.41 9.53
N LEU A 342 -21.87 -1.48 8.30
CA LEU A 342 -22.71 -1.56 7.13
C LEU A 342 -23.50 -2.87 6.99
N TRP A 343 -23.00 -3.95 7.56
CA TRP A 343 -23.66 -5.26 7.49
C TRP A 343 -24.25 -5.62 8.86
N ASN A 344 -25.46 -6.16 8.86
CA ASN A 344 -26.15 -6.52 10.10
C ASN A 344 -25.75 -7.86 10.73
N TYR A 345 -24.47 -8.01 11.05
CA TYR A 345 -24.00 -9.25 11.67
C TYR A 345 -24.60 -9.47 13.07
N PRO A 346 -24.82 -8.39 13.83
CA PRO A 346 -25.41 -8.60 15.16
C PRO A 346 -26.83 -9.21 15.11
N ALA A 347 -27.53 -9.03 13.99
CA ALA A 347 -28.86 -9.59 13.80
C ALA A 347 -28.73 -11.10 13.79
N ILE A 348 -27.55 -11.61 13.44
CA ILE A 348 -27.35 -13.05 13.46
C ILE A 348 -26.48 -13.39 14.65
N GLY A 349 -26.34 -12.44 15.58
CA GLY A 349 -25.55 -12.65 16.78
C GLY A 349 -24.06 -12.80 16.61
N TYR A 350 -23.50 -12.24 15.54
CA TYR A 350 -22.07 -12.37 15.34
C TYR A 350 -21.41 -11.10 15.81
N ASN A 351 -20.68 -11.18 16.91
CA ASN A 351 -20.05 -9.98 17.44
C ASN A 351 -18.55 -10.15 17.66
N LEU A 352 -17.79 -9.08 17.40
CA LEU A 352 -16.33 -9.11 17.49
C LEU A 352 -15.70 -8.11 18.45
N PRO A 353 -15.52 -8.50 19.72
CA PRO A 353 -14.92 -7.62 20.73
C PRO A 353 -13.39 -7.46 20.69
N GLN A 354 -12.69 -8.32 19.95
CA GLN A 354 -11.23 -8.23 19.87
C GLN A 354 -10.75 -6.84 19.47
N GLN A 355 -9.82 -6.30 20.25
CA GLN A 355 -9.24 -4.97 20.05
C GLN A 355 -8.25 -4.90 18.92
N LYS A 356 -8.02 -3.69 18.44
CA LYS A 356 -7.11 -3.47 17.32
C LYS A 356 -5.74 -4.09 17.51
N ALA A 357 -5.11 -3.81 18.64
CA ALA A 357 -3.77 -4.33 18.94
C ALA A 357 -3.78 -5.85 18.89
N SER A 358 -4.81 -6.45 19.45
CA SER A 358 -4.90 -7.91 19.47
C SER A 358 -5.20 -8.47 18.09
N ARG A 359 -5.95 -7.71 17.28
CA ARG A 359 -6.29 -8.09 15.91
C ARG A 359 -5.01 -8.23 15.12
N ILE A 360 -4.10 -7.29 15.36
CA ILE A 360 -2.81 -7.28 14.69
C ILE A 360 -1.98 -8.43 15.22
N ARG A 361 -1.98 -8.59 16.54
CA ARG A 361 -1.21 -9.64 17.20
C ARG A 361 -1.66 -11.03 16.81
N TYR A 362 -2.97 -11.23 16.72
CA TYR A 362 -3.58 -12.54 16.40
C TYR A 362 -3.81 -12.86 14.93
N HIS A 363 -3.01 -12.27 14.06
CA HIS A 363 -3.09 -12.56 12.63
C HIS A 363 -4.39 -12.22 11.91
N GLU A 364 -5.15 -11.28 12.46
CA GLU A 364 -6.43 -10.90 11.89
C GLU A 364 -6.48 -9.62 11.05
N SER A 365 -5.65 -8.63 11.35
CA SER A 365 -5.69 -7.39 10.60
C SER A 365 -4.30 -6.83 10.33
N LEU A 366 -4.11 -6.31 9.12
CA LEU A 366 -2.84 -5.75 8.69
C LEU A 366 -3.17 -4.85 7.50
N MET A 367 -2.17 -4.11 7.04
CA MET A 367 -2.33 -3.22 5.91
C MET A 367 -2.22 -4.13 4.69
N THR A 368 -3.09 -3.91 3.71
CA THR A 368 -3.06 -4.74 2.51
C THR A 368 -3.21 -3.90 1.24
N HIS A 369 -3.65 -2.65 1.37
CA HIS A 369 -3.90 -1.80 0.22
C HIS A 369 -3.62 -0.35 0.57
N ALA A 370 -3.04 0.40 -0.36
CA ALA A 370 -2.78 1.81 -0.16
C ALA A 370 -3.69 2.60 -1.08
N MET A 371 -4.36 3.60 -0.52
CA MET A 371 -5.29 4.45 -1.28
C MET A 371 -5.04 5.92 -0.97
N LEU A 372 -5.89 6.80 -1.47
CA LEU A 372 -5.69 8.23 -1.29
C LEU A 372 -6.88 9.02 -0.74
N ILE A 373 -6.68 9.72 0.38
CA ILE A 373 -7.73 10.55 0.97
C ILE A 373 -7.65 11.91 0.28
N THR A 374 -8.73 12.31 -0.39
CA THR A 374 -8.81 13.55 -1.12
C THR A 374 -9.83 14.53 -0.54
N GLY A 375 -10.45 14.15 0.57
CA GLY A 375 -11.40 15.05 1.17
C GLY A 375 -11.87 14.45 2.47
N CYS A 376 -12.63 15.23 3.22
CA CYS A 376 -13.17 14.79 4.50
C CYS A 376 -14.33 15.69 4.83
N HIS A 377 -15.08 15.35 5.87
CA HIS A 377 -16.21 16.14 6.26
C HIS A 377 -16.30 16.25 7.76
N VAL A 378 -15.98 17.43 8.27
CA VAL A 378 -16.06 17.68 9.70
C VAL A 378 -17.51 17.96 10.04
N ASP A 379 -17.95 17.49 11.19
CA ASP A 379 -19.33 17.71 11.61
C ASP A 379 -19.51 19.23 11.64
N GLU A 380 -20.39 19.72 10.77
CA GLU A 380 -20.68 21.15 10.65
C GLU A 380 -21.39 21.73 11.86
N THR A 381 -20.61 22.02 12.91
CA THR A 381 -21.11 22.61 14.15
C THR A 381 -19.93 22.92 15.05
N SER A 382 -19.46 21.91 15.78
CA SER A 382 -18.33 22.07 16.68
C SER A 382 -17.74 20.71 17.05
N LYS A 383 -18.05 19.69 16.27
CA LYS A 383 -17.54 18.36 16.54
C LYS A 383 -16.30 18.02 15.71
N LEU A 384 -16.21 16.80 15.18
CA LEU A 384 -15.01 16.41 14.43
C LEU A 384 -15.24 15.68 13.08
N PRO A 385 -14.17 15.15 12.40
CA PRO A 385 -14.42 14.48 11.12
C PRO A 385 -15.33 13.27 11.23
N LEU A 386 -16.24 13.16 10.27
CA LEU A 386 -17.18 12.07 10.22
C LEU A 386 -16.80 11.04 9.16
N ARG A 387 -16.39 11.53 8.01
CA ARG A 387 -16.07 10.66 6.90
C ARG A 387 -14.95 11.28 6.08
N TYR A 388 -14.39 10.47 5.19
CA TYR A 388 -13.30 10.87 4.35
C TYR A 388 -13.63 10.41 2.93
N ARG A 389 -13.12 11.15 1.95
CA ARG A 389 -13.32 10.83 0.54
C ARG A 389 -12.07 10.10 0.11
N VAL A 390 -12.22 8.90 -0.43
CA VAL A 390 -11.09 8.06 -0.84
C VAL A 390 -11.03 7.80 -2.35
N GLU A 391 -9.85 7.95 -2.95
CA GLU A 391 -9.66 7.69 -4.38
C GLU A 391 -8.92 6.35 -4.48
N ASN A 392 -9.56 5.40 -5.15
CA ASN A 392 -9.00 4.06 -5.33
C ASN A 392 -8.42 3.96 -6.76
N SER A 393 -7.62 2.93 -7.01
CA SER A 393 -6.99 2.72 -8.32
C SER A 393 -7.50 1.43 -8.96
N TRP A 394 -8.82 1.29 -8.98
CA TRP A 394 -9.45 0.10 -9.56
C TRP A 394 -10.38 0.45 -10.73
N GLY A 395 -10.12 1.56 -11.41
CA GLY A 395 -10.97 1.93 -12.53
C GLY A 395 -12.15 2.76 -12.08
N LYS A 396 -12.83 3.40 -13.03
CA LYS A 396 -13.94 4.27 -12.66
C LYS A 396 -15.27 3.59 -12.38
N ASP A 397 -15.33 2.28 -12.53
CA ASP A 397 -16.56 1.54 -12.25
C ASP A 397 -16.63 1.03 -10.81
N SER A 398 -15.48 0.91 -10.16
CA SER A 398 -15.43 0.43 -8.77
C SER A 398 -15.95 1.57 -7.92
N GLY A 399 -16.62 1.24 -6.80
CA GLY A 399 -17.17 2.25 -5.91
C GLY A 399 -18.08 3.16 -6.70
N LYS A 400 -18.08 4.45 -6.37
CA LYS A 400 -18.90 5.39 -7.11
C LYS A 400 -17.93 6.17 -8.02
N ASP A 401 -17.82 5.71 -9.27
CA ASP A 401 -16.94 6.33 -10.24
C ASP A 401 -15.50 6.30 -9.75
N GLY A 402 -15.12 5.17 -9.18
CA GLY A 402 -13.77 4.98 -8.66
C GLY A 402 -13.54 5.48 -7.25
N LEU A 403 -14.47 6.27 -6.72
CA LEU A 403 -14.31 6.85 -5.40
C LEU A 403 -15.05 6.15 -4.26
N TYR A 404 -14.44 6.20 -3.09
CA TYR A 404 -14.98 5.59 -1.89
C TYR A 404 -15.20 6.62 -0.79
N VAL A 405 -15.98 6.25 0.22
CA VAL A 405 -16.23 7.12 1.37
C VAL A 405 -15.96 6.21 2.58
N MET A 406 -15.09 6.69 3.46
CA MET A 406 -14.67 5.95 4.64
C MET A 406 -15.07 6.65 5.93
N THR A 407 -15.70 5.93 6.85
CA THR A 407 -16.08 6.54 8.10
C THR A 407 -14.87 6.81 9.03
N GLN A 408 -15.03 7.72 9.97
CA GLN A 408 -13.99 8.04 10.93
C GLN A 408 -13.66 6.76 11.71
N LYS A 409 -14.70 6.05 12.14
CA LYS A 409 -14.55 4.82 12.89
C LYS A 409 -13.76 3.79 12.09
N TYR A 410 -14.02 3.69 10.79
CA TYR A 410 -13.27 2.75 9.95
C TYR A 410 -11.81 3.19 9.99
N PHE A 411 -11.57 4.48 9.80
CA PHE A 411 -10.24 5.07 9.81
C PHE A 411 -9.49 4.69 11.10
N GLU A 412 -10.17 4.75 12.24
CA GLU A 412 -9.56 4.39 13.52
C GLU A 412 -9.25 2.93 13.68
N GLU A 413 -10.17 2.09 13.18
CA GLU A 413 -10.04 0.65 13.34
C GLU A 413 -9.30 -0.18 12.31
N TYR A 414 -9.64 0.00 11.03
CA TYR A 414 -9.04 -0.77 9.95
C TYR A 414 -8.03 -0.09 9.03
N CYS A 415 -7.56 1.08 9.45
CA CYS A 415 -6.55 1.85 8.73
C CYS A 415 -5.38 1.91 9.69
N PHE A 416 -4.16 1.71 9.19
CA PHE A 416 -2.93 1.70 10.01
C PHE A 416 -1.82 2.70 9.64
N GLN A 417 -2.01 3.52 8.61
CA GLN A 417 -0.94 4.43 8.21
C GLN A 417 -1.32 5.57 7.30
N ILE A 418 -0.62 6.69 7.47
CA ILE A 418 -0.79 7.85 6.62
C ILE A 418 0.63 8.39 6.38
N VAL A 419 0.75 9.27 5.39
CA VAL A 419 2.03 9.86 5.06
C VAL A 419 1.85 11.36 5.07
N VAL A 420 2.69 12.03 5.85
CA VAL A 420 2.68 13.49 5.95
C VAL A 420 4.10 14.03 5.76
N ASP A 421 4.21 15.34 5.61
CA ASP A 421 5.51 15.95 5.49
C ASP A 421 5.93 16.28 6.92
N ILE A 422 7.20 16.06 7.25
CA ILE A 422 7.70 16.33 8.60
C ILE A 422 7.35 17.73 9.15
N ASN A 423 7.33 18.72 8.26
CA ASN A 423 7.00 20.10 8.63
C ASN A 423 5.55 20.29 9.07
N GLU A 424 4.75 19.27 8.91
CA GLU A 424 3.35 19.35 9.29
C GLU A 424 3.16 18.81 10.69
N LEU A 425 4.17 18.12 11.18
CA LEU A 425 4.13 17.54 12.51
C LEU A 425 4.39 18.53 13.63
N PRO A 426 3.91 18.20 14.85
CA PRO A 426 4.13 19.09 16.00
C PRO A 426 5.63 18.92 16.33
N LYS A 427 6.25 19.97 16.87
CA LYS A 427 7.68 19.92 17.18
C LYS A 427 8.04 18.65 17.94
N GLU A 428 7.18 18.30 18.89
CA GLU A 428 7.38 17.11 19.71
C GLU A 428 7.53 15.86 18.85
N LEU A 429 6.76 15.78 17.76
CA LEU A 429 6.80 14.61 16.89
C LEU A 429 7.90 14.68 15.82
N ALA A 430 8.01 15.83 15.17
CA ALA A 430 9.03 16.00 14.14
C ALA A 430 10.40 15.64 14.71
N SER A 431 10.67 16.12 15.91
CA SER A 431 11.94 15.86 16.58
C SER A 431 12.34 14.39 16.60
N LYS A 432 11.38 13.49 16.80
CA LYS A 432 11.69 12.05 16.85
C LYS A 432 12.44 11.61 15.60
N PHE A 433 12.24 12.35 14.51
CA PHE A 433 12.90 12.04 13.24
C PHE A 433 14.26 12.72 13.13
N THR A 434 14.36 13.92 13.69
CA THR A 434 15.59 14.70 13.62
C THR A 434 16.52 14.66 14.84
N SER A 435 16.12 13.94 15.90
CA SER A 435 16.92 13.84 17.11
C SER A 435 17.98 12.75 16.94
N GLY A 436 18.19 11.98 18.00
CA GLY A 436 19.17 10.90 17.97
C GLY A 436 18.87 9.89 19.06
N LYS A 437 18.21 10.34 20.12
CA LYS A 437 17.86 9.47 21.24
C LYS A 437 16.97 8.35 20.77
N GLU A 438 16.13 8.67 19.79
CA GLU A 438 15.18 7.73 19.24
C GLU A 438 15.73 6.44 18.62
N GLU A 439 15.83 5.41 19.45
CA GLU A 439 16.25 4.10 19.00
C GLU A 439 14.90 3.47 18.67
N PRO A 440 14.68 3.11 17.40
CA PRO A 440 13.42 2.51 16.99
C PRO A 440 13.16 1.10 17.50
N ILE A 441 11.89 0.81 17.76
CA ILE A 441 11.47 -0.51 18.17
C ILE A 441 11.62 -1.25 16.87
N VAL A 442 12.47 -2.28 16.86
CA VAL A 442 12.73 -3.06 15.67
C VAL A 442 11.88 -4.32 15.58
N LEU A 443 11.03 -4.40 14.55
CA LEU A 443 10.15 -5.56 14.34
C LEU A 443 10.72 -6.43 13.22
N PRO A 444 10.44 -7.74 13.25
CA PRO A 444 10.98 -8.63 12.22
C PRO A 444 10.30 -8.32 10.90
N ILE A 445 10.91 -8.85 9.83
CA ILE A 445 10.43 -8.66 8.47
C ILE A 445 9.04 -9.24 8.25
N TRP A 446 8.72 -10.28 9.03
CA TRP A 446 7.43 -10.96 8.96
C TRP A 446 6.33 -10.42 9.87
N ASP A 447 6.57 -9.25 10.46
CA ASP A 447 5.59 -8.58 11.35
C ASP A 447 4.53 -7.98 10.45
N PRO A 448 3.24 -8.05 10.85
CA PRO A 448 2.11 -7.51 10.08
C PRO A 448 2.19 -6.05 9.60
N MET A 449 3.04 -5.26 10.24
CA MET A 449 3.20 -3.87 9.80
C MET A 449 4.27 -3.87 8.70
N GLY A 450 5.05 -4.96 8.69
CA GLY A 450 6.09 -5.16 7.69
C GLY A 450 5.54 -5.82 6.45
N ALA A 451 4.22 -6.07 6.46
CA ALA A 451 3.53 -6.67 5.32
C ALA A 451 3.09 -5.46 4.47
N LEU A 452 3.67 -5.31 3.30
CA LEU A 452 3.62 -4.24 2.29
C LEU A 452 2.16 -3.89 2.01
N ALA A 453 1.97 -3.25 0.77
CA ALA A 453 0.66 -2.81 0.29
C ALA A 453 0.66 -2.97 -1.22
S SO4 B . -11.39 1.76 -16.11
O1 SO4 B . -12.47 1.04 -15.45
O2 SO4 B . -10.11 1.06 -16.08
O3 SO4 B . -11.79 1.96 -17.47
O4 SO4 B . -11.22 3.08 -15.53
S SO4 C . 21.34 -25.56 1.86
O1 SO4 C . 20.79 -26.02 3.09
O2 SO4 C . 22.46 -26.36 1.56
O3 SO4 C . 20.47 -25.88 0.73
O4 SO4 C . 21.70 -24.18 2.01
S SO4 D . 2.74 -21.26 -12.66
O1 SO4 D . 2.64 -19.96 -13.27
O2 SO4 D . 3.30 -21.03 -11.38
O3 SO4 D . 1.43 -21.84 -12.50
O4 SO4 D . 3.53 -22.24 -13.40
HG HG E . -5.13 5.52 9.51
HG HG F . -12.88 17.63 7.82
HG HG G . -11.34 15.70 8.74
HG HG H . -1.53 -3.50 -3.24
C1 GOL I . 4.79 16.42 -2.39
O1 GOL I . 3.92 17.28 -3.10
C2 GOL I . 4.17 16.02 -1.05
O2 GOL I . 4.18 17.09 -0.12
C3 GOL I . 4.86 14.80 -0.46
O3 GOL I . 4.28 14.51 0.79
#